data_3QFN
#
_entry.id   3QFN
#
_cell.length_a   58.883
_cell.length_b   74.935
_cell.length_c   149.326
_cell.angle_alpha   90.00
_cell.angle_beta   90.00
_cell.angle_gamma   90.00
#
_symmetry.space_group_name_H-M   'P 21 21 21'
#
loop_
_entity.id
_entity.type
_entity.pdbx_description
1 polymer 'Putative uncharacterized protein'
2 non-polymer 'PHOSPHATE ION'
3 non-polymer 'MANGANESE (II) ION'
4 non-polymer 'FE (III) ION'
5 water water
#
_entity_poly.entity_id   1
_entity_poly.type   'polypeptide(L)'
_entity_poly.pdbx_seq_one_letter_code
;MGHHHHHHMDMTKIALLSDIHGNTTALEAVLADARQLGVDEYWLLGDILMPGTGRRRILDLLDQLPITARVLGNWEDSLW
HGVRKELDSTRPSQRYLLRQCQYVLEEISLEEIEVLHNQPLQIHRQFGDLTVGISHHLPDKNWGRELIHTGKQEEFDRLV
THPPCDIAVYGHIHQQLLRYGTGGQLIVNPGSIGQPFFLDAQLRKDLRAQYMILEFDDKGLVDMDFRRVDYDVAAELQLA
KDLRLPYFEVYYESLVNGIHHTHHQEFLRE
;
_entity_poly.pdbx_strand_id   A,B
#
loop_
_chem_comp.id
_chem_comp.type
_chem_comp.name
_chem_comp.formula
FE non-polymer 'FE (III) ION' 'Fe 3'
MN non-polymer 'MANGANESE (II) ION' 'Mn 2'
PO4 non-polymer 'PHOSPHATE ION' 'O4 P -3'
#
# COMPACT_ATOMS: atom_id res chain seq x y z
N MET A 11 18.88 -3.28 -8.95
CA MET A 11 17.66 -2.52 -8.49
C MET A 11 17.50 -1.12 -9.05
N THR A 12 16.31 -0.84 -9.57
CA THR A 12 15.87 0.50 -9.94
C THR A 12 14.82 1.00 -8.94
N LYS A 13 15.08 2.20 -8.42
CA LYS A 13 14.27 2.79 -7.39
C LYS A 13 13.53 3.99 -8.01
N ILE A 14 12.20 3.90 -8.09
CA ILE A 14 11.42 4.95 -8.75
C ILE A 14 10.51 5.70 -7.77
N ALA A 15 10.66 7.03 -7.76
CA ALA A 15 9.80 7.86 -6.95
C ALA A 15 8.63 8.33 -7.77
N LEU A 16 7.43 8.16 -7.24
CA LEU A 16 6.19 8.57 -7.90
C LEU A 16 5.80 9.91 -7.31
N LEU A 17 5.60 10.89 -8.17
CA LEU A 17 5.33 12.27 -7.73
C LEU A 17 4.03 12.69 -8.37
N SER A 18 3.05 12.99 -7.53
CA SER A 18 1.72 13.38 -8.02
C SER A 18 1.11 14.55 -7.25
N ASP A 19 0.24 15.31 -7.92
CA ASP A 19 -0.59 16.32 -7.25
C ASP A 19 0.23 17.24 -6.31
N ILE A 20 1.33 17.73 -6.88
CA ILE A 20 2.16 18.78 -6.29
C ILE A 20 1.32 20.05 -6.06
N HIS A 21 0.52 20.47 -7.06
CA HIS A 21 -0.35 21.65 -6.94
C HIS A 21 0.36 22.95 -6.51
N GLY A 22 1.58 23.15 -7.00
CA GLY A 22 2.29 24.39 -6.71
C GLY A 22 2.77 24.49 -5.28
N ASN A 23 2.66 23.41 -4.53
CA ASN A 23 3.16 23.44 -3.17
C ASN A 23 4.67 23.30 -3.13
N THR A 24 5.31 24.47 -3.21
CA THR A 24 6.76 24.65 -3.27
C THR A 24 7.53 23.98 -2.14
N THR A 25 7.16 24.31 -0.90
CA THR A 25 7.89 23.82 0.26
C THR A 25 7.68 22.30 0.43
N ALA A 26 6.48 21.81 0.15
CA ALA A 26 6.22 20.38 0.25
C ALA A 26 7.00 19.63 -0.82
N LEU A 27 7.06 20.17 -2.03
CA LEU A 27 7.82 19.52 -3.08
C LEU A 27 9.32 19.49 -2.76
N GLU A 28 9.87 20.60 -2.28
CA GLU A 28 11.31 20.64 -1.95
C GLU A 28 11.62 19.58 -0.91
N ALA A 29 10.78 19.44 0.10
CA ALA A 29 11.02 18.45 1.15
C ALA A 29 11.02 16.98 0.63
N VAL A 30 10.09 16.66 -0.27
CA VAL A 30 9.97 15.33 -0.88
C VAL A 30 11.18 15.02 -1.75
N LEU A 31 11.59 16.00 -2.55
CA LEU A 31 12.78 15.82 -3.38
C LEU A 31 14.03 15.65 -2.55
N ALA A 32 14.14 16.37 -1.43
CA ALA A 32 15.26 16.08 -0.48
C ALA A 32 15.19 14.66 0.06
N ASP A 33 14.00 14.26 0.52
CA ASP A 33 13.78 12.88 0.99
C ASP A 33 14.17 11.85 -0.08
N ALA A 34 13.68 12.03 -1.30
CA ALA A 34 13.96 11.12 -2.41
C ALA A 34 15.47 11.05 -2.74
N ARG A 35 16.14 12.21 -2.70
CA ARG A 35 17.58 12.30 -2.97
C ARG A 35 18.36 11.51 -1.89
N GLN A 36 18.01 11.74 -0.63
CA GLN A 36 18.61 10.99 0.47
C GLN A 36 18.48 9.47 0.28
N LEU A 37 17.31 9.04 -0.19
CA LEU A 37 17.06 7.61 -0.37
C LEU A 37 17.75 6.99 -1.59
N GLY A 38 18.42 7.82 -2.38
CA GLY A 38 19.15 7.34 -3.54
C GLY A 38 18.21 6.92 -4.66
N VAL A 39 17.14 7.67 -4.85
CA VAL A 39 16.15 7.38 -5.90
C VAL A 39 16.80 7.51 -7.27
N ASP A 40 16.51 6.57 -8.16
CA ASP A 40 17.09 6.52 -9.51
C ASP A 40 16.31 7.29 -10.55
N GLU A 41 14.98 7.23 -10.49
CA GLU A 41 14.16 7.97 -11.46
C GLU A 41 12.86 8.44 -10.87
N TYR A 42 12.18 9.31 -11.62
CA TYR A 42 10.98 9.95 -11.14
C TYR A 42 9.89 9.81 -12.19
N TRP A 43 8.70 9.42 -11.74
CA TRP A 43 7.51 9.46 -12.57
C TRP A 43 6.59 10.59 -12.11
N LEU A 44 6.10 11.35 -13.07
CA LEU A 44 5.31 12.50 -12.76
C LEU A 44 3.88 12.25 -13.19
N LEU A 45 2.95 12.25 -12.24
CA LEU A 45 1.58 11.85 -12.55
C LEU A 45 0.63 13.01 -12.81
N GLY A 46 1.13 14.25 -12.87
CA GLY A 46 0.28 15.41 -13.20
C GLY A 46 -0.25 16.18 -12.00
N ASP A 47 -0.97 17.27 -12.29
CA ASP A 47 -1.39 18.27 -11.29
C ASP A 47 -0.15 18.94 -10.64
N ILE A 48 0.56 19.64 -11.51
CA ILE A 48 1.86 20.18 -11.22
C ILE A 48 1.72 21.55 -10.55
N LEU A 49 1.10 22.49 -11.24
CA LEU A 49 1.01 23.85 -10.77
C LEU A 49 -0.43 24.14 -10.38
N MET A 50 -0.58 25.04 -9.39
CA MET A 50 -1.88 25.56 -8.91
C MET A 50 -2.57 24.61 -7.93
N PRO A 51 -3.21 25.15 -6.87
CA PRO A 51 -3.37 26.59 -6.61
C PRO A 51 -2.32 27.11 -5.66
N GLY A 52 -1.22 26.37 -5.51
CA GLY A 52 -0.10 26.73 -4.65
C GLY A 52 0.83 27.81 -5.18
N THR A 53 1.91 28.02 -4.42
CA THR A 53 2.84 29.14 -4.57
C THR A 53 3.83 29.04 -5.72
N GLY A 54 4.29 27.82 -6.00
CA GLY A 54 5.39 27.65 -6.92
C GLY A 54 5.07 27.76 -8.38
N ARG A 55 5.97 28.40 -9.11
CA ARG A 55 5.82 28.50 -10.54
C ARG A 55 7.15 28.11 -11.14
N ARG A 56 7.90 29.11 -11.60
CA ARG A 56 9.27 28.90 -12.06
C ARG A 56 9.96 27.95 -11.12
N ARG A 57 9.84 28.18 -9.82
CA ARG A 57 10.51 27.32 -8.86
C ARG A 57 10.19 25.79 -9.04
N ILE A 58 8.92 25.46 -9.28
CA ILE A 58 8.49 24.07 -9.45
C ILE A 58 9.11 23.52 -10.73
N LEU A 59 8.99 24.27 -11.81
CA LEU A 59 9.45 23.81 -13.10
C LEU A 59 10.95 23.60 -13.12
N ASP A 60 11.71 24.45 -12.41
CA ASP A 60 13.17 24.34 -12.27
C ASP A 60 13.60 23.16 -11.41
N LEU A 61 12.88 22.94 -10.32
CA LEU A 61 13.13 21.77 -9.48
C LEU A 61 12.94 20.47 -10.25
N LEU A 62 11.89 20.39 -11.06
CA LEU A 62 11.59 19.20 -11.84
C LEU A 62 12.58 18.99 -13.00
N ASP A 63 12.97 20.10 -13.65
CA ASP A 63 14.01 20.10 -14.68
C ASP A 63 15.30 19.45 -14.23
N GLN A 64 15.65 19.59 -12.94
CA GLN A 64 16.87 19.00 -12.37
C GLN A 64 16.79 17.47 -12.22
N LEU A 65 15.60 16.89 -12.40
CA LEU A 65 15.38 15.46 -12.09
C LEU A 65 15.46 14.52 -13.29
N PRO A 66 15.93 13.29 -13.02
CA PRO A 66 15.78 12.23 -14.01
C PRO A 66 14.32 11.73 -14.03
N ILE A 67 13.52 12.42 -14.84
CA ILE A 67 12.12 12.14 -15.02
C ILE A 67 11.95 11.27 -16.27
N THR A 68 11.58 10.01 -16.05
CA THR A 68 11.50 9.04 -17.13
C THR A 68 10.07 8.72 -17.56
N ALA A 69 9.07 9.26 -16.85
CA ALA A 69 7.69 9.17 -17.35
C ALA A 69 6.84 10.28 -16.81
N ARG A 70 5.94 10.77 -17.65
CA ARG A 70 5.14 11.92 -17.33
C ARG A 70 3.80 11.83 -18.02
N VAL A 71 2.72 11.98 -17.25
CA VAL A 71 1.39 11.96 -17.82
C VAL A 71 0.58 13.22 -17.50
N LEU A 72 -0.45 13.48 -18.32
CA LEU A 72 -1.22 14.74 -18.25
C LEU A 72 -2.26 14.73 -17.12
N GLY A 73 -2.17 15.71 -16.24
CA GLY A 73 -3.20 15.89 -15.22
C GLY A 73 -4.28 16.85 -15.67
N ASN A 74 -5.47 16.77 -15.05
CA ASN A 74 -6.54 17.71 -15.40
C ASN A 74 -6.24 19.18 -15.10
N TRP A 75 -5.44 19.47 -14.09
CA TRP A 75 -5.07 20.87 -13.84
C TRP A 75 -4.16 21.49 -14.92
N GLU A 76 -3.40 20.65 -15.63
CA GLU A 76 -2.62 21.12 -16.78
C GLU A 76 -3.55 21.56 -17.92
N ASP A 77 -4.63 20.79 -18.14
CA ASP A 77 -5.70 21.23 -19.07
C ASP A 77 -6.34 22.53 -18.63
N SER A 78 -6.62 22.61 -17.33
CA SER A 78 -7.20 23.82 -16.78
C SER A 78 -6.32 25.04 -17.02
N LEU A 79 -5.01 24.90 -16.77
CA LEU A 79 -4.06 26.00 -16.98
C LEU A 79 -4.09 26.42 -18.44
N TRP A 80 -4.00 25.43 -19.33
CA TRP A 80 -4.05 25.64 -20.77
C TRP A 80 -5.29 26.39 -21.19
N HIS A 81 -6.46 25.89 -20.79
CA HIS A 81 -7.70 26.57 -21.14
C HIS A 81 -7.77 27.95 -20.46
N GLY A 82 -7.28 28.05 -19.22
CA GLY A 82 -7.28 29.30 -18.49
C GLY A 82 -6.55 30.43 -19.20
N VAL A 83 -5.35 30.16 -19.70
CA VAL A 83 -4.56 31.18 -20.41
C VAL A 83 -5.10 31.53 -21.80
N ARG A 84 -5.79 30.58 -22.43
CA ARG A 84 -6.43 30.80 -23.75
C ARG A 84 -7.78 31.49 -23.64
N LYS A 85 -8.14 31.89 -22.42
CA LYS A 85 -9.45 32.49 -22.09
C LYS A 85 -10.63 31.58 -22.43
N GLU A 86 -10.46 30.27 -22.23
CA GLU A 86 -11.51 29.30 -22.58
C GLU A 86 -12.36 28.80 -21.39
N LEU A 87 -12.21 29.46 -20.25
CA LEU A 87 -12.99 29.11 -19.05
C LEU A 87 -14.23 30.01 -18.91
N ASP A 88 -15.27 29.46 -18.30
CA ASP A 88 -16.53 30.17 -18.09
C ASP A 88 -16.44 31.18 -16.95
N SER A 89 -16.48 32.47 -17.29
CA SER A 89 -16.50 33.55 -16.31
C SER A 89 -17.82 33.69 -15.52
N THR A 90 -18.83 32.90 -15.87
CA THR A 90 -20.10 32.92 -15.13
C THR A 90 -19.90 32.23 -13.79
N ARG A 91 -19.29 31.04 -13.84
CA ARG A 91 -19.15 30.21 -12.66
C ARG A 91 -18.00 30.64 -11.75
N PRO A 92 -18.28 30.77 -10.43
CA PRO A 92 -17.31 31.12 -9.39
C PRO A 92 -16.11 30.16 -9.32
N SER A 93 -16.37 28.86 -9.49
CA SER A 93 -15.30 27.87 -9.45
C SER A 93 -14.30 28.14 -10.59
N GLN A 94 -14.82 28.56 -11.73
CA GLN A 94 -13.98 28.85 -12.90
C GLN A 94 -13.23 30.17 -12.75
N ARG A 95 -13.89 31.19 -12.20
CA ARG A 95 -13.22 32.49 -11.92
C ARG A 95 -12.05 32.30 -10.94
N TYR A 96 -12.26 31.48 -9.92
CA TYR A 96 -11.17 31.05 -9.04
C TYR A 96 -10.02 30.43 -9.86
N LEU A 97 -10.33 29.55 -10.80
CA LEU A 97 -9.30 28.96 -11.67
C LEU A 97 -8.59 29.99 -12.54
N LEU A 98 -9.37 30.90 -13.13
CA LEU A 98 -8.82 32.00 -13.91
C LEU A 98 -7.80 32.82 -13.13
N ARG A 99 -8.07 33.10 -11.87
CA ARG A 99 -7.13 33.90 -11.08
C ARG A 99 -5.84 33.12 -10.86
N GLN A 100 -5.96 31.80 -10.68
CA GLN A 100 -4.77 30.97 -10.54
C GLN A 100 -3.96 30.90 -11.84
N CYS A 101 -4.63 30.79 -12.98
CA CYS A 101 -3.94 30.74 -14.27
C CYS A 101 -3.16 32.02 -14.51
N GLN A 102 -3.79 33.17 -14.24
CA GLN A 102 -3.18 34.49 -14.39
C GLN A 102 -2.02 34.63 -13.45
N TYR A 103 -2.18 34.17 -12.22
CA TYR A 103 -1.07 34.13 -11.30
C TYR A 103 0.13 33.35 -11.89
N VAL A 104 -0.14 32.13 -12.37
CA VAL A 104 0.90 31.32 -13.00
C VAL A 104 1.58 32.03 -14.20
N LEU A 105 0.78 32.67 -15.04
CA LEU A 105 1.27 33.36 -16.26
C LEU A 105 2.33 34.44 -16.03
N GLU A 106 2.30 35.08 -14.87
CA GLU A 106 3.33 36.04 -14.46
C GLU A 106 4.77 35.48 -14.45
N GLU A 107 4.92 34.18 -14.23
CA GLU A 107 6.25 33.60 -14.25
C GLU A 107 6.50 32.59 -15.37
N ILE A 108 5.42 32.06 -15.95
CA ILE A 108 5.47 30.95 -16.89
C ILE A 108 4.99 31.44 -18.26
N SER A 109 5.78 31.15 -19.29
CA SER A 109 5.46 31.59 -20.64
C SER A 109 4.41 30.69 -21.27
N LEU A 110 3.69 31.21 -22.27
CA LEU A 110 2.72 30.43 -23.03
C LEU A 110 3.33 29.16 -23.62
N GLU A 111 4.57 29.29 -24.10
CA GLU A 111 5.32 28.19 -24.69
C GLU A 111 5.53 27.04 -23.69
N GLU A 112 5.87 27.40 -22.45
CA GLU A 112 5.98 26.41 -21.37
C GLU A 112 4.64 25.77 -21.03
N ILE A 113 3.57 26.56 -21.02
CA ILE A 113 2.24 26.02 -20.74
C ILE A 113 1.84 25.02 -21.83
N GLU A 114 2.30 25.30 -23.06
CA GLU A 114 2.12 24.39 -24.19
C GLU A 114 2.84 23.05 -23.93
N VAL A 115 4.07 23.12 -23.43
CA VAL A 115 4.82 21.91 -23.08
C VAL A 115 4.07 21.07 -22.02
N LEU A 116 3.68 21.71 -20.91
CA LEU A 116 2.90 21.07 -19.84
C LEU A 116 1.63 20.37 -20.36
N HIS A 117 0.97 21.02 -21.31
CA HIS A 117 -0.25 20.50 -21.91
C HIS A 117 -0.02 19.36 -22.91
N ASN A 118 1.17 19.28 -23.51
CA ASN A 118 1.43 18.26 -24.54
C ASN A 118 1.94 16.93 -23.99
N GLN A 119 1.20 16.35 -23.06
CA GLN A 119 1.68 15.14 -22.42
C GLN A 119 0.64 14.06 -22.67
N PRO A 120 1.10 12.79 -22.76
CA PRO A 120 0.14 11.69 -22.92
C PRO A 120 -0.79 11.51 -21.72
N LEU A 121 -1.99 11.02 -21.98
CA LEU A 121 -2.89 10.57 -20.93
C LEU A 121 -2.32 9.34 -20.24
N GLN A 122 -1.83 8.37 -21.04
CA GLN A 122 -1.40 7.10 -20.50
C GLN A 122 -0.09 6.60 -21.10
N ILE A 123 0.77 6.02 -20.25
CA ILE A 123 2.00 5.37 -20.71
C ILE A 123 2.07 3.93 -20.24
N HIS A 124 2.91 3.13 -20.90
CA HIS A 124 3.26 1.78 -20.46
C HIS A 124 4.75 1.55 -20.53
N ARG A 125 5.31 1.00 -19.47
CA ARG A 125 6.70 0.54 -19.43
C ARG A 125 6.73 -0.94 -19.15
N GLN A 126 7.76 -1.61 -19.66
CA GLN A 126 8.07 -2.99 -19.26
C GLN A 126 9.22 -3.00 -18.25
N PHE A 127 9.03 -3.75 -17.16
CA PHE A 127 10.13 -4.07 -16.26
C PHE A 127 10.17 -5.60 -16.15
N GLY A 128 11.15 -6.21 -16.82
CA GLY A 128 11.26 -7.68 -16.94
C GLY A 128 9.93 -8.27 -17.36
N ASP A 129 9.36 -9.09 -16.47
CA ASP A 129 8.09 -9.76 -16.75
C ASP A 129 6.86 -8.84 -16.64
N LEU A 130 7.01 -7.61 -16.13
CA LEU A 130 5.84 -6.79 -15.75
C LEU A 130 5.53 -5.58 -16.61
N THR A 131 4.28 -5.50 -17.06
CA THR A 131 3.76 -4.32 -17.71
C THR A 131 3.13 -3.32 -16.70
N VAL A 132 3.63 -2.07 -16.72
CA VAL A 132 3.21 -1.02 -15.79
C VAL A 132 2.47 0.01 -16.60
N GLY A 133 1.20 0.26 -16.26
CA GLY A 133 0.44 1.36 -16.85
C GLY A 133 0.54 2.59 -15.94
N ILE A 134 0.48 3.77 -16.55
CA ILE A 134 0.69 5.04 -15.85
C ILE A 134 -0.30 6.04 -16.39
N SER A 135 -1.10 6.63 -15.50
CA SER A 135 -2.05 7.68 -15.88
C SER A 135 -2.36 8.62 -14.70
N HIS A 136 -2.97 9.79 -14.95
CA HIS A 136 -3.34 10.67 -13.84
C HIS A 136 -4.57 10.09 -13.12
N HIS A 137 -5.58 9.79 -13.92
CA HIS A 137 -6.82 9.23 -13.40
C HIS A 137 -7.11 8.00 -14.26
N LEU A 138 -8.12 8.07 -15.10
CA LEU A 138 -8.45 6.93 -15.96
C LEU A 138 -7.51 6.96 -17.18
N PRO A 139 -7.38 5.86 -17.93
CA PRO A 139 -6.48 5.91 -19.09
C PRO A 139 -6.80 7.00 -20.12
N ASP A 140 -8.08 7.33 -20.28
CA ASP A 140 -8.53 8.22 -21.33
C ASP A 140 -9.34 9.40 -20.80
N LYS A 141 -9.27 9.60 -19.48
CA LYS A 141 -10.03 10.65 -18.80
C LYS A 141 -9.32 11.07 -17.50
N ASN A 142 -8.68 12.24 -17.52
CA ASN A 142 -7.84 12.68 -16.40
C ASN A 142 -8.57 13.44 -15.28
N TRP A 143 -9.90 13.38 -15.34
CA TRP A 143 -10.76 14.08 -14.40
C TRP A 143 -11.94 13.19 -13.95
N GLY A 144 -12.65 13.63 -12.93
CA GLY A 144 -13.83 12.89 -12.47
C GLY A 144 -13.59 12.21 -11.14
N ARG A 145 -14.55 11.36 -10.74
CA ARG A 145 -14.55 10.68 -9.43
C ARG A 145 -14.71 9.17 -9.56
N GLU A 146 -14.57 8.63 -10.77
CA GLU A 146 -14.67 7.18 -10.98
C GLU A 146 -13.84 6.35 -9.99
N LEU A 147 -12.60 6.79 -9.74
CA LEU A 147 -11.62 6.01 -8.99
C LEU A 147 -11.34 6.56 -7.58
N ILE A 148 -12.35 7.18 -6.96
CA ILE A 148 -12.23 7.53 -5.55
C ILE A 148 -12.13 6.26 -4.71
N HIS A 149 -11.92 6.45 -3.41
CA HIS A 149 -11.74 5.32 -2.48
C HIS A 149 -12.85 4.25 -2.52
N THR A 150 -14.09 4.68 -2.80
CA THR A 150 -15.24 3.77 -2.95
C THR A 150 -15.63 3.55 -4.42
N GLY A 151 -14.70 3.70 -5.35
CA GLY A 151 -15.00 3.54 -6.76
C GLY A 151 -15.42 2.13 -7.13
N LYS A 152 -16.25 2.02 -8.16
CA LYS A 152 -16.71 0.72 -8.65
C LYS A 152 -15.57 -0.06 -9.26
N GLN A 153 -15.55 -1.36 -9.02
CA GLN A 153 -14.52 -2.27 -9.54
C GLN A 153 -14.40 -2.21 -11.07
N GLU A 154 -15.53 -2.08 -11.76
CA GLU A 154 -15.60 -1.88 -13.22
C GLU A 154 -14.68 -0.75 -13.66
N GLU A 155 -14.68 0.33 -12.89
CA GLU A 155 -13.85 1.48 -13.20
C GLU A 155 -12.36 1.23 -12.92
N PHE A 156 -12.03 0.64 -11.78
CA PHE A 156 -10.62 0.28 -11.49
C PHE A 156 -10.03 -0.66 -12.54
N ASP A 157 -10.82 -1.64 -12.99
CA ASP A 157 -10.39 -2.59 -14.02
C ASP A 157 -10.08 -1.89 -15.33
N ARG A 158 -10.63 -0.69 -15.54
CA ARG A 158 -10.27 0.11 -16.71
C ARG A 158 -8.79 0.53 -16.73
N LEU A 159 -8.14 0.58 -15.56
CA LEU A 159 -6.72 0.93 -15.48
C LEU A 159 -5.82 -0.21 -15.93
N VAL A 160 -6.33 -1.43 -15.85
CA VAL A 160 -5.48 -2.62 -16.01
C VAL A 160 -5.87 -3.58 -17.16
N THR A 161 -6.94 -3.25 -17.87
CA THR A 161 -7.37 -3.99 -19.07
C THR A 161 -7.69 -3.00 -20.18
N HIS A 162 -7.54 -3.43 -21.43
CA HIS A 162 -7.88 -2.64 -22.62
C HIS A 162 -7.27 -1.21 -22.65
N PRO A 163 -5.94 -1.09 -22.67
CA PRO A 163 -4.95 -2.15 -22.76
C PRO A 163 -4.53 -2.73 -21.39
N PRO A 164 -3.96 -3.94 -21.38
CA PRO A 164 -3.69 -4.59 -20.11
C PRO A 164 -2.35 -4.21 -19.49
N CYS A 165 -2.30 -4.18 -18.16
CA CYS A 165 -1.03 -4.12 -17.46
C CYS A 165 -1.16 -4.90 -16.17
N ASP A 166 -0.01 -5.20 -15.56
CA ASP A 166 0.05 -5.91 -14.31
C ASP A 166 0.11 -4.98 -13.10
N ILE A 167 0.59 -3.77 -13.32
CA ILE A 167 0.68 -2.75 -12.27
C ILE A 167 0.25 -1.44 -12.88
N ALA A 168 -0.86 -0.89 -12.39
CA ALA A 168 -1.25 0.46 -12.75
C ALA A 168 -0.88 1.38 -11.60
N VAL A 169 -0.34 2.55 -11.95
CA VAL A 169 -0.12 3.60 -11.00
C VAL A 169 -0.97 4.78 -11.48
N TYR A 170 -1.63 5.47 -10.57
CA TYR A 170 -2.38 6.69 -10.92
C TYR A 170 -2.32 7.66 -9.75
N GLY A 171 -2.78 8.90 -9.94
CA GLY A 171 -2.85 9.87 -8.84
C GLY A 171 -4.25 10.42 -8.66
N HIS A 172 -4.37 11.75 -8.70
CA HIS A 172 -5.67 12.46 -8.85
C HIS A 172 -6.58 12.51 -7.62
N ILE A 173 -6.65 11.42 -6.86
CA ILE A 173 -7.58 11.38 -5.72
C ILE A 173 -6.94 11.85 -4.42
N HIS A 174 -5.61 11.94 -4.40
CA HIS A 174 -4.84 12.54 -3.31
C HIS A 174 -4.87 11.61 -2.10
N GLN A 175 -4.85 10.32 -2.39
CA GLN A 175 -4.86 9.31 -1.36
C GLN A 175 -3.89 8.18 -1.74
N GLN A 176 -3.22 7.64 -0.75
CA GLN A 176 -2.33 6.49 -0.99
C GLN A 176 -3.15 5.22 -1.16
N LEU A 177 -2.70 4.32 -2.03
CA LEU A 177 -3.51 3.17 -2.39
C LEU A 177 -2.70 2.01 -2.93
N LEU A 178 -3.11 0.81 -2.50
CA LEU A 178 -2.61 -0.44 -3.01
C LEU A 178 -3.82 -1.36 -3.03
N ARG A 179 -4.38 -1.56 -4.21
CA ARG A 179 -5.44 -2.57 -4.37
C ARG A 179 -5.29 -3.31 -5.69
N TYR A 180 -6.39 -3.90 -6.18
CA TYR A 180 -6.30 -4.92 -7.24
C TYR A 180 -7.35 -4.78 -8.28
N GLY A 181 -6.98 -5.06 -9.52
CA GLY A 181 -7.94 -5.30 -10.58
C GLY A 181 -8.56 -6.66 -10.33
N THR A 182 -9.68 -6.93 -11.01
CA THR A 182 -10.38 -8.20 -10.87
C THR A 182 -9.41 -9.37 -11.07
N GLY A 183 -8.57 -9.27 -12.10
CA GLY A 183 -7.52 -10.26 -12.40
C GLY A 183 -6.30 -10.29 -11.48
N GLY A 184 -6.36 -9.58 -10.35
CA GLY A 184 -5.22 -9.52 -9.44
C GLY A 184 -4.07 -8.60 -9.87
N GLN A 185 -4.31 -7.75 -10.87
CA GLN A 185 -3.35 -6.70 -11.26
C GLN A 185 -3.25 -5.63 -10.17
N LEU A 186 -2.03 -5.27 -9.83
CA LEU A 186 -1.80 -4.23 -8.85
C LEU A 186 -2.27 -2.85 -9.32
N ILE A 187 -2.83 -2.09 -8.39
CA ILE A 187 -3.25 -0.71 -8.61
C ILE A 187 -2.72 0.10 -7.43
N VAL A 188 -1.88 1.08 -7.74
CA VAL A 188 -1.23 1.85 -6.71
C VAL A 188 -1.40 3.33 -7.00
N ASN A 189 -1.33 4.13 -5.94
CA ASN A 189 -1.47 5.58 -6.00
C ASN A 189 -0.52 6.12 -4.90
N PRO A 190 0.34 7.07 -5.26
CA PRO A 190 1.29 7.68 -4.30
C PRO A 190 0.67 8.68 -3.35
N GLY A 191 -0.57 9.08 -3.61
CA GLY A 191 -1.21 10.22 -2.93
C GLY A 191 -0.67 11.52 -3.50
N SER A 192 -0.75 12.59 -2.70
CA SER A 192 -0.51 13.94 -3.16
C SER A 192 0.63 14.59 -2.37
N ILE A 193 1.61 15.11 -3.08
CA ILE A 193 2.67 15.89 -2.43
C ILE A 193 2.13 17.17 -1.77
N GLY A 194 1.24 17.86 -2.46
CA GLY A 194 0.85 19.22 -2.09
C GLY A 194 -0.44 19.38 -1.30
N GLN A 195 -1.37 18.43 -1.45
CA GLN A 195 -2.74 18.56 -0.94
C GLN A 195 -3.27 17.21 -0.49
N PRO A 196 -2.66 16.61 0.53
CA PRO A 196 -3.09 15.27 0.92
C PRO A 196 -4.53 15.25 1.43
N PHE A 197 -5.32 14.31 0.93
CA PHE A 197 -6.75 14.27 1.23
C PHE A 197 -7.09 13.15 2.20
N PHE A 198 -7.75 13.50 3.30
CA PHE A 198 -8.21 12.52 4.28
C PHE A 198 -9.69 12.71 4.63
N LEU A 199 -10.42 11.59 4.77
CA LEU A 199 -11.81 11.59 5.22
C LEU A 199 -11.91 11.18 6.70
N ASP A 200 -10.83 10.62 7.24
CA ASP A 200 -10.78 10.22 8.64
C ASP A 200 -10.12 11.36 9.42
N ALA A 201 -10.82 11.87 10.44
CA ALA A 201 -10.43 13.11 11.09
C ALA A 201 -9.06 13.04 11.76
N GLN A 202 -8.78 11.91 12.41
CA GLN A 202 -7.48 11.66 13.05
C GLN A 202 -6.32 11.60 12.06
N LEU A 203 -6.53 10.92 10.92
CA LEU A 203 -5.50 10.85 9.86
C LEU A 203 -5.26 12.26 9.30
N ARG A 204 -6.36 13.02 9.26
CA ARG A 204 -6.38 14.40 8.76
C ARG A 204 -5.63 15.42 9.64
N LYS A 205 -5.24 15.02 10.85
CA LYS A 205 -4.41 15.87 11.67
C LYS A 205 -2.96 15.88 11.17
N ASP A 206 -2.61 14.92 10.32
CA ASP A 206 -1.25 14.79 9.82
C ASP A 206 -1.28 15.04 8.31
N LEU A 207 -0.89 16.25 7.92
CA LEU A 207 -0.97 16.70 6.53
C LEU A 207 0.40 16.82 5.88
N ARG A 208 1.32 15.97 6.33
CA ARG A 208 2.60 15.81 5.66
C ARG A 208 2.39 15.35 4.22
N ALA A 209 3.37 15.64 3.38
CA ALA A 209 3.28 15.37 1.96
C ALA A 209 3.18 13.87 1.75
N GLN A 210 2.53 13.45 0.66
CA GLN A 210 2.47 12.02 0.32
C GLN A 210 3.18 11.75 -0.98
N TYR A 211 3.97 10.68 -1.00
CA TYR A 211 4.40 10.05 -2.26
C TYR A 211 4.77 8.59 -2.03
N MET A 212 5.18 7.92 -3.09
CA MET A 212 5.65 6.56 -2.89
C MET A 212 6.82 6.18 -3.75
N ILE A 213 7.51 5.15 -3.31
CA ILE A 213 8.67 4.58 -4.00
C ILE A 213 8.40 3.13 -4.42
N LEU A 214 8.66 2.84 -5.70
CA LEU A 214 8.68 1.47 -6.23
C LEU A 214 10.11 1.05 -6.48
N GLU A 215 10.43 -0.15 -6.05
CA GLU A 215 11.72 -0.76 -6.40
C GLU A 215 11.52 -2.02 -7.20
N PHE A 216 12.07 -2.02 -8.42
CA PHE A 216 12.11 -3.22 -9.26
C PHE A 216 13.51 -3.80 -9.25
N ASP A 217 13.59 -5.12 -9.19
CA ASP A 217 14.89 -5.80 -9.23
C ASP A 217 14.81 -6.95 -10.24
N ASP A 218 15.83 -7.81 -10.26
CA ASP A 218 15.90 -8.94 -11.21
C ASP A 218 14.68 -9.85 -11.16
N LYS A 219 14.11 -10.01 -9.97
CA LYS A 219 13.02 -10.94 -9.69
C LYS A 219 11.62 -10.32 -9.78
N GLY A 220 11.53 -8.99 -9.91
CA GLY A 220 10.25 -8.32 -10.07
C GLY A 220 10.12 -7.11 -9.14
N LEU A 221 8.91 -6.89 -8.62
CA LEU A 221 8.63 -5.76 -7.72
C LEU A 221 8.97 -6.17 -6.31
N VAL A 222 10.04 -5.57 -5.79
CA VAL A 222 10.57 -5.98 -4.50
C VAL A 222 10.05 -5.11 -3.32
N ASP A 223 9.57 -3.89 -3.64
CA ASP A 223 9.17 -2.93 -2.60
C ASP A 223 8.16 -1.90 -3.09
N MET A 224 7.15 -1.64 -2.26
CA MET A 224 6.21 -0.54 -2.46
C MET A 224 6.15 0.26 -1.16
N ASP A 225 6.79 1.43 -1.16
CA ASP A 225 6.97 2.23 0.05
C ASP A 225 6.16 3.55 0.01
N PHE A 226 5.10 3.61 0.79
CA PHE A 226 4.21 4.76 0.83
C PHE A 226 4.66 5.69 1.95
N ARG A 227 5.24 6.82 1.55
CA ARG A 227 5.90 7.73 2.46
C ARG A 227 5.13 9.03 2.74
N ARG A 228 5.43 9.59 3.91
CA ARG A 228 4.96 10.91 4.31
C ARG A 228 6.21 11.75 4.56
N VAL A 229 6.20 13.00 4.13
CA VAL A 229 7.36 13.87 4.32
C VAL A 229 6.97 15.18 4.99
N ASP A 230 7.63 15.46 6.11
CA ASP A 230 7.36 16.66 6.86
C ASP A 230 7.91 17.83 6.09
N TYR A 231 7.11 18.89 5.96
CA TYR A 231 7.58 20.16 5.43
C TYR A 231 7.05 21.30 6.27
N ASP A 232 7.66 22.47 6.10
CA ASP A 232 7.36 23.62 6.96
C ASP A 232 6.15 24.35 6.40
N VAL A 233 4.98 24.03 6.92
CA VAL A 233 3.72 24.67 6.51
C VAL A 233 3.74 26.21 6.69
N ALA A 234 4.21 26.67 7.86
CA ALA A 234 4.38 28.13 8.12
C ALA A 234 5.20 28.85 7.03
N ALA A 235 6.35 28.30 6.67
CA ALA A 235 7.15 28.86 5.58
C ALA A 235 6.37 28.92 4.26
N GLU A 236 5.58 27.89 3.98
CA GLU A 236 4.82 27.85 2.72
C GLU A 236 3.72 28.89 2.73
N LEU A 237 3.11 29.07 3.90
CA LEU A 237 2.04 30.05 4.07
C LEU A 237 2.57 31.50 4.03
N GLN A 238 3.67 31.77 4.71
CA GLN A 238 4.37 33.06 4.61
C GLN A 238 4.70 33.36 3.15
N LEU A 239 5.17 32.32 2.45
CA LEU A 239 5.51 32.42 1.03
C LEU A 239 4.30 32.82 0.23
N ALA A 240 3.16 32.23 0.55
CA ALA A 240 1.92 32.59 -0.11
C ALA A 240 1.55 34.07 0.12
N LYS A 241 1.70 34.53 1.36
CA LYS A 241 1.45 35.95 1.68
C LYS A 241 2.39 36.86 0.89
N ASP A 242 3.69 36.61 0.99
CA ASP A 242 4.69 37.37 0.24
C ASP A 242 4.42 37.42 -1.25
N LEU A 243 3.88 36.35 -1.80
CA LEU A 243 3.74 36.24 -3.24
C LEU A 243 2.42 36.80 -3.70
N ARG A 244 1.55 37.12 -2.73
CA ARG A 244 0.18 37.56 -3.04
C ARG A 244 -0.58 36.44 -3.78
N LEU A 245 -0.38 35.21 -3.34
CA LEU A 245 -1.14 34.09 -3.88
C LEU A 245 -2.63 34.41 -3.76
N PRO A 246 -3.39 34.24 -4.86
CA PRO A 246 -4.85 34.43 -4.85
C PRO A 246 -5.51 33.37 -3.99
N TYR A 247 -6.55 33.76 -3.25
CA TYR A 247 -7.33 32.86 -2.37
C TYR A 247 -6.50 32.27 -1.25
N PHE A 248 -5.78 33.14 -0.55
CA PHE A 248 -4.94 32.69 0.55
C PHE A 248 -5.71 31.85 1.56
N GLU A 249 -6.97 32.24 1.82
CA GLU A 249 -7.81 31.58 2.82
C GLU A 249 -8.14 30.14 2.45
N VAL A 250 -8.37 29.87 1.17
CA VAL A 250 -8.56 28.49 0.67
C VAL A 250 -7.29 27.66 0.84
N TYR A 251 -6.14 28.23 0.47
CA TYR A 251 -4.87 27.54 0.52
C TYR A 251 -4.48 27.21 1.94
N TYR A 252 -4.73 28.18 2.83
CA TYR A 252 -4.59 27.97 4.25
C TYR A 252 -5.45 26.81 4.75
N GLU A 253 -6.73 26.76 4.38
CA GLU A 253 -7.57 25.65 4.84
C GLU A 253 -7.00 24.32 4.37
N SER A 254 -6.63 24.26 3.10
CA SER A 254 -6.15 23.01 2.52
C SER A 254 -4.85 22.53 3.24
N LEU A 255 -3.91 23.43 3.50
CA LEU A 255 -2.66 23.01 4.12
C LEU A 255 -2.71 22.78 5.63
N VAL A 256 -3.61 23.48 6.32
CA VAL A 256 -3.72 23.41 7.79
C VAL A 256 -4.80 22.43 8.23
N ASN A 257 -5.98 22.56 7.63
CA ASN A 257 -7.15 21.76 8.04
C ASN A 257 -7.43 20.58 7.12
N GLY A 258 -7.07 20.69 5.84
CA GLY A 258 -7.23 19.62 4.86
C GLY A 258 -8.63 19.43 4.29
N ILE A 259 -9.39 20.51 4.18
CA ILE A 259 -10.73 20.45 3.60
C ILE A 259 -10.79 21.17 2.25
N MET B 11 9.50 7.83 17.20
CA MET B 11 9.38 6.81 16.10
C MET B 11 9.37 5.35 16.60
N THR B 12 8.29 4.64 16.27
CA THR B 12 8.17 3.21 16.57
C THR B 12 7.94 2.42 15.27
N LYS B 13 8.76 1.40 15.06
CA LYS B 13 8.71 0.65 13.83
C LYS B 13 8.15 -0.74 14.13
N ILE B 14 7.06 -1.09 13.44
CA ILE B 14 6.32 -2.33 13.68
C ILE B 14 6.21 -3.22 12.45
N ALA B 15 6.70 -4.46 12.58
CA ALA B 15 6.59 -5.49 11.55
C ALA B 15 5.28 -6.28 11.67
N LEU B 16 4.50 -6.29 10.60
CA LEU B 16 3.28 -7.06 10.56
C LEU B 16 3.61 -8.40 9.92
N LEU B 17 3.53 -9.47 10.70
CA LEU B 17 3.86 -10.84 10.27
C LEU B 17 2.59 -11.63 10.18
N SER B 18 2.27 -12.12 8.99
CA SER B 18 1.05 -12.90 8.81
C SER B 18 1.22 -14.10 7.90
N ASP B 19 0.41 -15.14 8.16
CA ASP B 19 0.18 -16.23 7.23
C ASP B 19 1.48 -16.93 6.87
N ILE B 20 2.20 -17.31 7.92
CA ILE B 20 3.50 -17.97 7.85
C ILE B 20 3.36 -19.39 7.30
N HIS B 21 2.35 -20.10 7.79
CA HIS B 21 1.97 -21.43 7.34
C HIS B 21 3.13 -22.38 7.41
N GLY B 22 3.87 -22.31 8.50
CA GLY B 22 5.00 -23.19 8.74
C GLY B 22 6.09 -23.12 7.68
N ASN B 23 6.22 -21.98 6.99
CA ASN B 23 7.32 -21.83 6.02
C ASN B 23 8.55 -21.28 6.74
N THR B 24 9.29 -22.19 7.35
CA THR B 24 10.45 -21.91 8.21
C THR B 24 11.46 -20.99 7.51
N THR B 25 11.82 -21.33 6.28
CA THR B 25 12.86 -20.61 5.56
C THR B 25 12.42 -19.19 5.26
N ALA B 26 11.20 -19.05 4.73
CA ALA B 26 10.62 -17.72 4.47
C ALA B 26 10.52 -16.91 5.75
N LEU B 27 10.10 -17.53 6.85
CA LEU B 27 10.02 -16.77 8.10
C LEU B 27 11.39 -16.29 8.59
N GLU B 28 12.40 -17.16 8.52
CA GLU B 28 13.75 -16.81 8.94
C GLU B 28 14.31 -15.64 8.12
N ALA B 29 14.07 -15.63 6.82
CA ALA B 29 14.55 -14.52 6.00
C ALA B 29 13.83 -13.21 6.39
N VAL B 30 12.51 -13.29 6.60
CA VAL B 30 11.72 -12.14 7.04
C VAL B 30 12.19 -11.61 8.39
N LEU B 31 12.49 -12.50 9.35
CA LEU B 31 13.01 -12.06 10.65
C LEU B 31 14.39 -11.42 10.56
N ALA B 32 15.27 -11.94 9.70
CA ALA B 32 16.58 -11.34 9.44
C ALA B 32 16.43 -9.94 8.83
N ASP B 33 15.55 -9.82 7.82
CA ASP B 33 15.27 -8.54 7.19
C ASP B 33 14.75 -7.50 8.19
N ALA B 34 13.76 -7.89 9.00
CA ALA B 34 13.18 -7.00 10.00
C ALA B 34 14.18 -6.53 11.07
N ARG B 35 15.04 -7.45 11.52
CA ARG B 35 16.09 -7.14 12.51
C ARG B 35 17.04 -6.09 11.94
N GLN B 36 17.52 -6.31 10.72
CA GLN B 36 18.38 -5.36 10.01
C GLN B 36 17.78 -3.94 9.89
N LEU B 37 16.46 -3.86 9.71
CA LEU B 37 15.76 -2.57 9.62
C LEU B 37 15.51 -1.95 10.99
N GLY B 38 15.95 -2.64 12.05
CA GLY B 38 15.76 -2.17 13.43
C GLY B 38 14.32 -2.11 13.92
N VAL B 39 13.50 -3.08 13.52
CA VAL B 39 12.09 -3.17 13.92
C VAL B 39 11.98 -3.24 15.44
N ASP B 40 11.03 -2.48 16.02
CA ASP B 40 10.86 -2.36 17.48
C ASP B 40 9.79 -3.29 18.08
N GLU B 41 8.77 -3.61 17.29
CA GLU B 41 7.78 -4.58 17.74
C GLU B 41 7.20 -5.38 16.57
N TYR B 42 6.55 -6.49 16.89
CA TYR B 42 6.04 -7.39 15.89
C TYR B 42 4.59 -7.62 16.18
N TRP B 43 3.79 -7.59 15.12
CA TRP B 43 2.40 -7.95 15.20
C TRP B 43 2.12 -9.25 14.44
N LEU B 44 1.65 -10.24 15.18
CA LEU B 44 1.37 -11.56 14.64
C LEU B 44 -0.11 -11.74 14.31
N LEU B 45 -0.40 -11.77 13.01
CA LEU B 45 -1.79 -11.76 12.56
C LEU B 45 -2.41 -13.16 12.38
N GLY B 46 -1.65 -14.22 12.68
CA GLY B 46 -2.18 -15.58 12.64
C GLY B 46 -1.86 -16.39 11.40
N ASP B 47 -2.35 -17.64 11.38
CA ASP B 47 -1.98 -18.69 10.41
C ASP B 47 -0.49 -18.97 10.51
N ILE B 48 -0.13 -19.54 11.65
CA ILE B 48 1.25 -19.76 12.03
C ILE B 48 1.85 -21.09 11.52
N LEU B 49 1.20 -22.20 11.82
CA LEU B 49 1.74 -23.51 11.45
C LEU B 49 0.85 -24.20 10.41
N MET B 50 1.52 -24.98 9.54
CA MET B 50 0.88 -25.85 8.55
C MET B 50 0.47 -25.00 7.37
N PRO B 51 0.53 -25.56 6.15
CA PRO B 51 0.93 -26.95 5.80
C PRO B 51 2.41 -27.12 5.56
N GLY B 52 3.23 -26.14 5.96
CA GLY B 52 4.66 -26.12 5.66
C GLY B 52 5.50 -26.84 6.70
N THR B 53 6.81 -26.69 6.62
CA THR B 53 7.77 -27.52 7.37
C THR B 53 7.91 -27.28 8.85
N GLY B 54 7.75 -26.03 9.27
CA GLY B 54 8.18 -25.60 10.60
C GLY B 54 7.30 -26.00 11.75
N ARG B 55 7.95 -26.30 12.87
CA ARG B 55 7.27 -26.76 14.07
C ARG B 55 7.96 -26.10 15.25
N ARG B 56 8.78 -26.84 15.98
CA ARG B 56 9.53 -26.29 17.10
C ARG B 56 10.24 -24.99 16.67
N ARG B 57 10.95 -25.04 15.57
CA ARG B 57 11.81 -23.95 15.16
C ARG B 57 11.02 -22.64 15.00
N ILE B 58 9.82 -22.72 14.45
CA ILE B 58 8.97 -21.53 14.28
C ILE B 58 8.51 -20.92 15.61
N LEU B 59 8.15 -21.77 16.57
CA LEU B 59 7.80 -21.28 17.89
C LEU B 59 9.02 -20.67 18.58
N ASP B 60 10.19 -21.28 18.41
CA ASP B 60 11.44 -20.75 18.98
C ASP B 60 11.71 -19.35 18.45
N LEU B 61 11.63 -19.20 17.13
CA LEU B 61 11.83 -17.88 16.50
C LEU B 61 10.87 -16.83 17.04
N LEU B 62 9.58 -17.13 17.03
CA LEU B 62 8.56 -16.18 17.47
C LEU B 62 8.81 -15.75 18.92
N ASP B 63 9.17 -16.73 19.74
CA ASP B 63 9.40 -16.50 21.16
C ASP B 63 10.62 -15.60 21.45
N GLN B 64 11.49 -15.42 20.47
CA GLN B 64 12.59 -14.45 20.57
C GLN B 64 12.12 -13.03 20.23
N LEU B 65 10.87 -12.87 19.81
CA LEU B 65 10.43 -11.55 19.36
C LEU B 65 9.66 -10.77 20.41
N PRO B 66 9.85 -9.43 20.44
CA PRO B 66 8.91 -8.66 21.23
C PRO B 66 7.58 -8.54 20.46
N ILE B 67 6.68 -9.49 20.69
CA ILE B 67 5.37 -9.48 20.07
C ILE B 67 4.39 -8.71 20.95
N THR B 68 3.97 -7.54 20.47
CA THR B 68 3.12 -6.65 21.26
C THR B 68 1.64 -6.74 20.87
N ALA B 69 1.35 -7.54 19.83
CA ALA B 69 -0.05 -7.79 19.43
C ALA B 69 -0.13 -9.14 18.73
N ARG B 70 -1.18 -9.89 19.03
CA ARG B 70 -1.36 -11.24 18.49
C ARG B 70 -2.84 -11.54 18.39
N VAL B 71 -3.26 -12.03 17.22
CA VAL B 71 -4.64 -12.46 17.01
C VAL B 71 -4.72 -13.85 16.40
N LEU B 72 -5.90 -14.45 16.52
CA LEU B 72 -6.16 -15.83 16.14
C LEU B 72 -6.50 -15.99 14.67
N GLY B 73 -5.77 -16.85 13.97
CA GLY B 73 -6.08 -17.16 12.58
C GLY B 73 -6.89 -18.44 12.52
N ASN B 74 -7.63 -18.65 11.43
CA ASN B 74 -8.46 -19.87 11.31
C ASN B 74 -7.64 -21.17 11.40
N TRP B 75 -6.40 -21.15 10.90
CA TRP B 75 -5.54 -22.32 10.94
C TRP B 75 -5.13 -22.75 12.35
N GLU B 76 -5.14 -21.80 13.30
CA GLU B 76 -4.92 -22.16 14.71
C GLU B 76 -6.11 -22.97 15.23
N ASP B 77 -7.32 -22.59 14.80
CA ASP B 77 -8.54 -23.35 15.09
C ASP B 77 -8.47 -24.74 14.44
N SER B 78 -8.02 -24.79 13.19
CA SER B 78 -7.96 -26.04 12.47
C SER B 78 -7.03 -27.03 13.18
N LEU B 79 -5.90 -26.55 13.69
CA LEU B 79 -4.96 -27.39 14.41
C LEU B 79 -5.56 -27.87 15.72
N TRP B 80 -6.38 -27.04 16.35
CA TRP B 80 -7.07 -27.40 17.58
C TRP B 80 -8.08 -28.52 17.36
N HIS B 81 -9.06 -28.33 16.48
CA HIS B 81 -10.01 -29.38 16.16
C HIS B 81 -9.27 -30.63 15.68
N GLY B 82 -8.27 -30.43 14.82
CA GLY B 82 -7.40 -31.50 14.35
C GLY B 82 -6.81 -32.39 15.43
N VAL B 83 -6.25 -31.81 16.48
CA VAL B 83 -5.57 -32.61 17.50
C VAL B 83 -6.54 -33.13 18.56
N ARG B 84 -7.81 -32.76 18.41
CA ARG B 84 -8.87 -33.21 19.28
C ARG B 84 -9.70 -34.34 18.66
N LYS B 85 -9.26 -34.81 17.49
CA LYS B 85 -9.87 -35.94 16.79
C LYS B 85 -11.31 -35.68 16.37
N GLU B 86 -11.50 -34.57 15.66
CA GLU B 86 -12.82 -34.13 15.26
C GLU B 86 -12.90 -34.06 13.73
N LEU B 87 -11.85 -34.53 13.08
CA LEU B 87 -11.80 -34.49 11.63
C LEU B 87 -12.18 -35.85 11.05
N ASP B 88 -12.88 -35.79 9.92
CA ASP B 88 -13.34 -36.96 9.20
C ASP B 88 -12.60 -37.06 7.86
N SER B 89 -11.65 -38.01 7.76
CA SER B 89 -10.82 -38.17 6.56
C SER B 89 -11.54 -38.63 5.29
N THR B 90 -12.81 -39.04 5.41
CA THR B 90 -13.61 -39.32 4.23
C THR B 90 -13.95 -38.03 3.45
N ARG B 91 -13.74 -36.88 4.09
CA ARG B 91 -13.78 -35.60 3.36
C ARG B 91 -12.34 -35.18 3.05
N PRO B 92 -11.96 -35.12 1.75
CA PRO B 92 -10.57 -34.86 1.31
C PRO B 92 -9.95 -33.66 2.00
N SER B 93 -10.76 -32.62 2.16
CA SER B 93 -10.31 -31.40 2.81
C SER B 93 -9.80 -31.68 4.23
N GLN B 94 -10.57 -32.47 4.97
CA GLN B 94 -10.23 -32.79 6.35
C GLN B 94 -9.10 -33.84 6.48
N ARG B 95 -9.06 -34.77 5.53
CA ARG B 95 -8.04 -35.80 5.48
C ARG B 95 -6.65 -35.13 5.43
N TYR B 96 -6.53 -34.17 4.52
CA TYR B 96 -5.34 -33.33 4.34
C TYR B 96 -4.98 -32.60 5.64
N LEU B 97 -5.98 -31.96 6.24
CA LEU B 97 -5.74 -31.25 7.46
C LEU B 97 -5.25 -32.14 8.60
N LEU B 98 -5.88 -33.30 8.74
CA LEU B 98 -5.48 -34.23 9.79
C LEU B 98 -4.04 -34.71 9.59
N ARG B 99 -3.64 -34.99 8.36
CA ARG B 99 -2.23 -35.40 8.13
C ARG B 99 -1.23 -34.29 8.52
N GLN B 100 -1.56 -33.05 8.14
CA GLN B 100 -0.79 -31.89 8.57
C GLN B 100 -0.72 -31.80 10.09
N CYS B 101 -1.85 -32.03 10.77
CA CYS B 101 -1.88 -32.01 12.23
C CYS B 101 -0.98 -33.09 12.84
N GLN B 102 -0.98 -34.29 12.26
CA GLN B 102 -0.17 -35.41 12.78
C GLN B 102 1.29 -35.05 12.67
N TYR B 103 1.68 -34.56 11.50
CA TYR B 103 3.02 -34.03 11.27
C TYR B 103 3.40 -33.05 12.38
N VAL B 104 2.56 -32.04 12.60
CA VAL B 104 2.81 -31.03 13.63
C VAL B 104 2.99 -31.70 15.00
N LEU B 105 2.18 -32.73 15.26
CA LEU B 105 2.17 -33.40 16.58
C LEU B 105 3.41 -34.20 16.96
N GLU B 106 4.27 -34.50 15.98
CA GLU B 106 5.55 -35.17 16.27
C GLU B 106 6.49 -34.31 17.10
N GLU B 107 6.29 -32.99 17.09
CA GLU B 107 7.20 -32.04 17.83
C GLU B 107 6.46 -31.14 18.81
N ILE B 108 5.20 -30.85 18.52
CA ILE B 108 4.42 -29.89 19.29
C ILE B 108 3.49 -30.57 20.28
N SER B 109 3.62 -30.20 21.55
CA SER B 109 2.76 -30.72 22.63
C SER B 109 1.40 -30.01 22.64
N LEU B 110 0.45 -30.63 23.35
CA LEU B 110 -0.90 -30.09 23.48
C LEU B 110 -0.95 -28.80 24.30
N GLU B 111 -0.03 -28.68 25.27
CA GLU B 111 0.15 -27.44 26.04
C GLU B 111 0.43 -26.24 25.11
N GLU B 112 1.30 -26.45 24.12
CA GLU B 112 1.68 -25.43 23.14
C GLU B 112 0.55 -25.09 22.15
N ILE B 113 -0.21 -26.12 21.73
CA ILE B 113 -1.34 -25.91 20.83
C ILE B 113 -2.42 -25.08 21.50
N GLU B 114 -2.57 -25.26 22.81
CA GLU B 114 -3.52 -24.52 23.63
C GLU B 114 -3.15 -23.05 23.64
N VAL B 115 -1.87 -22.75 23.85
CA VAL B 115 -1.34 -21.40 23.83
C VAL B 115 -1.61 -20.74 22.46
N LEU B 116 -1.30 -21.46 21.40
CA LEU B 116 -1.60 -21.02 20.04
C LEU B 116 -3.07 -20.72 19.80
N HIS B 117 -3.95 -21.47 20.48
CA HIS B 117 -5.40 -21.37 20.33
C HIS B 117 -6.01 -20.28 21.22
N ASN B 118 -5.34 -19.97 22.33
CA ASN B 118 -5.85 -18.98 23.28
C ASN B 118 -5.42 -17.58 22.90
N GLN B 119 -6.04 -17.05 21.84
CA GLN B 119 -5.72 -15.71 21.34
C GLN B 119 -7.00 -14.98 20.94
N PRO B 120 -7.04 -13.68 21.16
CA PRO B 120 -8.24 -12.95 20.81
C PRO B 120 -8.44 -12.81 19.28
N LEU B 121 -9.70 -12.80 18.86
CA LEU B 121 -10.04 -12.55 17.48
C LEU B 121 -9.67 -11.14 17.01
N GLN B 122 -9.91 -10.14 17.85
CA GLN B 122 -9.67 -8.72 17.55
C GLN B 122 -9.15 -7.98 18.78
N ILE B 123 -8.05 -7.25 18.60
CA ILE B 123 -7.56 -6.34 19.63
C ILE B 123 -7.40 -4.92 19.06
N HIS B 124 -7.05 -3.99 19.93
CA HIS B 124 -6.81 -2.63 19.52
C HIS B 124 -5.57 -2.10 20.14
N ARG B 125 -4.90 -1.20 19.42
CA ARG B 125 -3.73 -0.52 19.91
C ARG B 125 -3.88 0.96 19.60
N GLN B 126 -3.24 1.80 20.41
CA GLN B 126 -3.38 3.25 20.29
C GLN B 126 -2.01 3.89 20.12
N PHE B 127 -1.90 4.79 19.16
CA PHE B 127 -0.67 5.55 18.93
C PHE B 127 -1.06 7.01 18.85
N GLY B 128 -0.89 7.70 19.99
CA GLY B 128 -1.36 9.06 20.14
C GLY B 128 -2.83 9.16 19.78
N ASP B 129 -3.10 9.80 18.65
CA ASP B 129 -4.47 10.09 18.26
C ASP B 129 -5.15 8.95 17.49
N LEU B 130 -4.34 7.98 17.06
CA LEU B 130 -4.80 6.94 16.16
C LEU B 130 -5.13 5.64 16.87
N THR B 131 -6.33 5.13 16.56
CA THR B 131 -6.78 3.82 16.99
C THR B 131 -6.62 2.79 15.85
N VAL B 132 -5.91 1.71 16.19
CA VAL B 132 -5.61 0.66 15.23
C VAL B 132 -6.33 -0.62 15.64
N GLY B 133 -7.12 -1.15 14.73
CA GLY B 133 -7.74 -2.46 14.92
C GLY B 133 -6.96 -3.58 14.24
N ILE B 134 -6.86 -4.72 14.92
CA ILE B 134 -6.06 -5.87 14.49
C ILE B 134 -6.92 -7.14 14.54
N SER B 135 -7.00 -7.86 13.41
CA SER B 135 -7.67 -9.16 13.36
C SER B 135 -7.05 -9.98 12.25
N HIS B 136 -7.29 -11.28 12.27
CA HIS B 136 -6.88 -12.13 11.15
C HIS B 136 -7.71 -11.88 9.90
N HIS B 137 -9.02 -11.86 10.05
CA HIS B 137 -9.91 -11.62 8.97
C HIS B 137 -10.92 -10.59 9.49
N LEU B 138 -12.20 -10.96 9.57
CA LEU B 138 -13.22 -10.09 10.17
C LEU B 138 -13.03 -10.03 11.68
N PRO B 139 -13.55 -8.97 12.35
CA PRO B 139 -13.44 -8.90 13.81
C PRO B 139 -13.94 -10.13 14.60
N ASP B 140 -14.97 -10.80 14.08
CA ASP B 140 -15.66 -11.85 14.83
C ASP B 140 -15.58 -13.19 14.10
N LYS B 141 -14.70 -13.28 13.12
CA LYS B 141 -14.74 -14.40 12.18
C LYS B 141 -13.42 -14.45 11.40
N ASN B 142 -12.53 -15.33 11.85
CA ASN B 142 -11.20 -15.47 11.25
C ASN B 142 -11.16 -16.36 10.01
N TRP B 143 -12.32 -16.61 9.40
CA TRP B 143 -12.39 -17.47 8.21
C TRP B 143 -13.34 -16.91 7.17
N GLY B 144 -13.28 -17.44 5.97
CA GLY B 144 -14.20 -17.02 4.88
C GLY B 144 -13.55 -16.19 3.77
N ARG B 145 -14.40 -15.66 2.89
CA ARG B 145 -13.98 -14.92 1.70
C ARG B 145 -14.57 -13.50 1.62
N GLU B 146 -15.09 -12.98 2.73
CA GLU B 146 -15.68 -11.64 2.71
C GLU B 146 -14.67 -10.56 2.27
N LEU B 147 -13.43 -10.65 2.77
CA LEU B 147 -12.46 -9.57 2.61
C LEU B 147 -11.43 -9.80 1.50
N ILE B 148 -11.80 -10.58 0.49
CA ILE B 148 -10.94 -10.76 -0.68
C ILE B 148 -10.79 -9.45 -1.48
N HIS B 149 -9.92 -9.49 -2.49
CA HIS B 149 -9.61 -8.32 -3.27
C HIS B 149 -10.85 -7.67 -3.94
N THR B 150 -11.86 -8.47 -4.25
CA THR B 150 -13.11 -7.95 -4.82
C THR B 150 -14.25 -7.84 -3.80
N GLY B 151 -13.92 -7.95 -2.52
CA GLY B 151 -14.91 -7.86 -1.44
C GLY B 151 -15.79 -6.62 -1.46
N LYS B 152 -16.96 -6.76 -0.84
CA LYS B 152 -17.94 -5.68 -0.72
C LYS B 152 -17.46 -4.63 0.29
N GLN B 153 -17.75 -3.36 -0.02
CA GLN B 153 -17.42 -2.23 0.85
C GLN B 153 -18.03 -2.37 2.26
N GLU B 154 -19.30 -2.83 2.33
CA GLU B 154 -19.98 -3.19 3.60
C GLU B 154 -19.15 -4.07 4.53
N GLU B 155 -18.48 -5.06 3.95
CA GLU B 155 -17.64 -5.99 4.73
C GLU B 155 -16.36 -5.32 5.22
N PHE B 156 -15.65 -4.60 4.32
CA PHE B 156 -14.45 -3.82 4.75
C PHE B 156 -14.79 -2.85 5.88
N ASP B 157 -15.95 -2.20 5.80
CA ASP B 157 -16.39 -1.31 6.86
C ASP B 157 -16.55 -2.02 8.20
N ARG B 158 -16.72 -3.35 8.20
CA ARG B 158 -16.81 -4.07 9.46
C ARG B 158 -15.51 -3.96 10.27
N LEU B 159 -14.38 -3.84 9.58
CA LEU B 159 -13.06 -3.77 10.21
C LEU B 159 -12.81 -2.47 10.93
N VAL B 160 -13.54 -1.42 10.54
CA VAL B 160 -13.22 -0.09 11.03
C VAL B 160 -14.36 0.61 11.78
N THR B 161 -15.51 -0.05 11.84
CA THR B 161 -16.65 0.45 12.60
C THR B 161 -17.19 -0.69 13.48
N HIS B 162 -17.82 -0.30 14.61
CA HIS B 162 -18.51 -1.22 15.51
C HIS B 162 -17.65 -2.45 15.86
N PRO B 163 -16.53 -2.26 16.59
CA PRO B 163 -15.93 -1.03 17.12
C PRO B 163 -15.16 -0.18 16.07
N PRO B 164 -14.91 1.13 16.39
CA PRO B 164 -14.21 2.05 15.48
C PRO B 164 -12.68 1.98 15.58
N CYS B 165 -12.02 2.15 14.43
CA CYS B 165 -10.59 2.43 14.43
C CYS B 165 -10.26 3.30 13.23
N ASP B 166 -9.07 3.86 13.21
CA ASP B 166 -8.64 4.71 12.10
C ASP B 166 -7.85 3.93 11.05
N ILE B 167 -7.22 2.85 11.49
CA ILE B 167 -6.38 2.00 10.69
C ILE B 167 -6.70 0.56 11.11
N ALA B 168 -7.22 -0.25 10.20
CA ALA B 168 -7.36 -1.69 10.48
C ALA B 168 -6.24 -2.45 9.77
N VAL B 169 -5.67 -3.44 10.45
CA VAL B 169 -4.77 -4.37 9.84
C VAL B 169 -5.38 -5.79 9.89
N TYR B 170 -5.31 -6.50 8.77
CA TYR B 170 -5.70 -7.90 8.76
C TYR B 170 -4.81 -8.73 7.86
N GLY B 171 -5.02 -10.05 7.89
CA GLY B 171 -4.21 -10.98 7.13
C GLY B 171 -5.08 -11.84 6.24
N HIS B 172 -4.88 -13.15 6.30
CA HIS B 172 -5.83 -14.14 5.77
C HIS B 172 -5.91 -14.34 4.25
N ILE B 173 -5.97 -13.25 3.49
CA ILE B 173 -6.16 -13.35 2.03
C ILE B 173 -4.83 -13.52 1.27
N HIS B 174 -3.72 -13.37 1.97
CA HIS B 174 -2.40 -13.61 1.37
C HIS B 174 -2.06 -12.59 0.27
N GLN B 175 -2.61 -11.39 0.38
CA GLN B 175 -2.24 -10.29 -0.52
C GLN B 175 -1.96 -8.99 0.25
N GLN B 176 -0.99 -8.21 -0.25
CA GLN B 176 -0.68 -6.88 0.32
C GLN B 176 -1.77 -5.91 -0.08
N LEU B 177 -2.11 -5.01 0.83
CA LEU B 177 -3.26 -4.15 0.62
C LEU B 177 -3.15 -2.83 1.35
N LEU B 178 -3.62 -1.77 0.72
CA LEU B 178 -3.83 -0.49 1.37
C LEU B 178 -5.07 0.10 0.71
N ARG B 179 -6.20 0.06 1.41
CA ARG B 179 -7.41 0.71 0.93
C ARG B 179 -8.18 1.34 2.11
N TYR B 180 -9.49 1.56 1.96
CA TYR B 180 -10.22 2.46 2.85
C TYR B 180 -11.60 2.03 3.30
N GLY B 181 -11.91 2.31 4.57
CA GLY B 181 -13.29 2.40 5.00
C GLY B 181 -14.00 3.50 4.24
N THR B 182 -15.34 3.43 4.20
CA THR B 182 -16.16 4.48 3.58
C THR B 182 -15.82 5.82 4.23
N GLY B 183 -15.49 5.77 5.52
CA GLY B 183 -15.21 6.96 6.32
C GLY B 183 -13.76 7.40 6.24
N GLY B 184 -13.04 6.93 5.21
CA GLY B 184 -11.59 7.24 5.05
C GLY B 184 -10.63 6.53 5.98
N GLN B 185 -11.14 5.60 6.79
CA GLN B 185 -10.25 4.81 7.64
C GLN B 185 -9.31 3.93 6.79
N LEU B 186 -8.06 3.74 7.23
CA LEU B 186 -7.11 2.93 6.46
C LEU B 186 -7.32 1.45 6.70
N ILE B 187 -7.11 0.65 5.66
CA ILE B 187 -7.19 -0.80 5.77
C ILE B 187 -5.96 -1.41 5.10
N VAL B 188 -5.11 -2.04 5.91
CA VAL B 188 -3.84 -2.54 5.41
C VAL B 188 -3.67 -4.04 5.66
N ASN B 189 -2.87 -4.70 4.83
CA ASN B 189 -2.65 -6.14 4.91
C ASN B 189 -1.19 -6.37 4.47
N PRO B 190 -0.37 -7.04 5.31
CA PRO B 190 1.03 -7.33 5.00
C PRO B 190 1.21 -8.46 3.97
N GLY B 191 0.14 -9.17 3.63
CA GLY B 191 0.22 -10.30 2.72
C GLY B 191 0.71 -11.46 3.51
N SER B 192 1.26 -12.47 2.83
CA SER B 192 1.62 -13.72 3.49
C SER B 192 3.12 -13.97 3.46
N ILE B 193 3.67 -14.33 4.61
CA ILE B 193 5.09 -14.69 4.72
C ILE B 193 5.42 -15.99 3.93
N GLY B 194 4.58 -17.01 4.11
CA GLY B 194 4.86 -18.37 3.62
C GLY B 194 4.08 -18.87 2.42
N GLN B 195 3.06 -18.13 1.95
CA GLN B 195 2.18 -18.56 0.85
C GLN B 195 1.59 -17.36 0.09
N PRO B 196 2.45 -16.52 -0.50
CA PRO B 196 1.94 -15.33 -1.18
C PRO B 196 1.01 -15.72 -2.30
N PHE B 197 -0.01 -14.90 -2.55
CA PHE B 197 -1.05 -15.29 -3.46
C PHE B 197 -1.25 -14.23 -4.50
N PHE B 198 -1.27 -14.68 -5.75
CA PHE B 198 -1.41 -13.81 -6.90
C PHE B 198 -2.37 -14.40 -7.91
N LEU B 199 -3.30 -13.58 -8.40
CA LEU B 199 -4.14 -13.96 -9.54
C LEU B 199 -3.59 -13.43 -10.88
N ASP B 200 -2.59 -12.54 -10.80
CA ASP B 200 -1.95 -12.04 -12.01
C ASP B 200 -0.71 -12.90 -12.24
N ALA B 201 -0.67 -13.52 -13.41
CA ALA B 201 0.33 -14.55 -13.67
C ALA B 201 1.75 -13.97 -13.71
N GLN B 202 1.90 -12.71 -14.12
CA GLN B 202 3.26 -12.11 -14.10
C GLN B 202 3.75 -11.86 -12.69
N LEU B 203 2.87 -11.31 -11.82
CA LEU B 203 3.27 -11.09 -10.43
C LEU B 203 3.48 -12.43 -9.73
N ARG B 204 2.70 -13.44 -10.15
CA ARG B 204 2.88 -14.81 -9.64
C ARG B 204 4.29 -15.44 -9.90
N LYS B 205 5.04 -14.91 -10.85
CA LYS B 205 6.43 -15.38 -11.06
C LYS B 205 7.34 -15.00 -9.93
N ASP B 206 6.82 -14.25 -8.97
CA ASP B 206 7.64 -13.73 -7.89
C ASP B 206 6.97 -14.06 -6.57
N LEU B 207 7.43 -15.15 -5.97
CA LEU B 207 6.78 -15.73 -4.83
C LEU B 207 7.60 -15.53 -3.58
N ARG B 208 8.36 -14.44 -3.55
CA ARG B 208 9.04 -14.02 -2.34
C ARG B 208 8.06 -13.71 -1.24
N ALA B 209 8.50 -13.89 -0.01
CA ALA B 209 7.72 -13.62 1.18
C ALA B 209 7.17 -12.19 1.16
N GLN B 210 5.91 -12.05 1.54
CA GLN B 210 5.31 -10.73 1.76
C GLN B 210 5.21 -10.43 3.24
N TYR B 211 5.67 -9.24 3.65
CA TYR B 211 5.23 -8.61 4.89
C TYR B 211 5.23 -7.08 4.81
N MET B 212 4.89 -6.40 5.90
CA MET B 212 4.87 -4.95 5.87
C MET B 212 5.28 -4.30 7.18
N ILE B 213 5.83 -3.10 7.08
CA ILE B 213 6.25 -2.31 8.24
C ILE B 213 5.40 -1.05 8.38
N LEU B 214 4.91 -0.82 9.59
CA LEU B 214 4.28 0.45 9.91
C LEU B 214 5.22 1.28 10.77
N GLU B 215 5.33 2.57 10.44
CA GLU B 215 6.11 3.49 11.26
C GLU B 215 5.21 4.57 11.89
N PHE B 216 5.21 4.63 13.21
CA PHE B 216 4.47 5.70 13.90
C PHE B 216 5.45 6.64 14.57
N ASP B 217 5.18 7.94 14.46
CA ASP B 217 5.92 8.95 15.21
C ASP B 217 4.98 9.89 15.93
N ASP B 218 5.55 11.00 16.45
CA ASP B 218 4.80 12.04 17.16
C ASP B 218 3.67 12.64 16.34
N LYS B 219 3.86 12.68 15.02
CA LYS B 219 2.88 13.29 14.14
C LYS B 219 1.82 12.34 13.57
N GLY B 220 2.02 11.02 13.72
CA GLY B 220 1.05 10.02 13.28
C GLY B 220 1.75 8.90 12.54
N LEU B 221 1.10 8.37 11.51
CA LEU B 221 1.64 7.29 10.70
C LEU B 221 2.50 7.90 9.59
N VAL B 222 3.80 7.63 9.61
CA VAL B 222 4.73 8.32 8.73
C VAL B 222 5.22 7.45 7.57
N ASP B 223 5.02 6.13 7.68
CA ASP B 223 5.45 5.16 6.63
C ASP B 223 4.63 3.85 6.62
N MET B 224 4.37 3.37 5.42
CA MET B 224 3.79 2.04 5.18
C MET B 224 4.65 1.34 4.12
N ASP B 225 5.50 0.43 4.57
CA ASP B 225 6.41 -0.23 3.66
C ASP B 225 5.97 -1.69 3.39
N PHE B 226 5.49 -1.97 2.17
CA PHE B 226 5.08 -3.33 1.77
C PHE B 226 6.27 -4.02 1.12
N ARG B 227 6.88 -4.94 1.84
CA ARG B 227 8.18 -5.46 1.44
C ARG B 227 8.06 -6.85 0.86
N ARG B 228 9.03 -7.21 0.04
CA ARG B 228 9.20 -8.59 -0.41
C ARG B 228 10.58 -9.02 0.06
N VAL B 229 10.66 -10.26 0.53
CA VAL B 229 11.92 -10.79 1.03
C VAL B 229 12.26 -12.15 0.36
N ASP B 230 13.42 -12.16 -0.29
CA ASP B 230 13.96 -13.35 -0.91
C ASP B 230 14.30 -14.38 0.15
N TYR B 231 13.98 -15.63 -0.16
CA TYR B 231 14.38 -16.75 0.67
C TYR B 231 14.74 -17.95 -0.20
N ASP B 232 15.46 -18.90 0.38
CA ASP B 232 15.90 -20.09 -0.35
C ASP B 232 14.76 -21.12 -0.49
N VAL B 233 14.08 -21.08 -1.63
CA VAL B 233 12.98 -21.99 -1.90
C VAL B 233 13.47 -23.45 -1.98
N ALA B 234 14.56 -23.69 -2.73
CA ALA B 234 15.15 -25.04 -2.84
C ALA B 234 15.46 -25.64 -1.47
N ALA B 235 16.06 -24.84 -0.58
CA ALA B 235 16.33 -25.28 0.81
C ALA B 235 15.08 -25.62 1.60
N GLU B 236 13.99 -24.91 1.37
CA GLU B 236 12.76 -25.20 2.12
C GLU B 236 12.10 -26.48 1.57
N LEU B 237 12.19 -26.69 0.27
CA LEU B 237 11.71 -27.95 -0.32
C LEU B 237 12.57 -29.14 0.07
N GLN B 238 13.89 -28.92 0.17
CA GLN B 238 14.83 -29.94 0.66
C GLN B 238 14.52 -30.26 2.12
N LEU B 239 14.21 -29.23 2.89
CA LEU B 239 13.73 -29.41 4.25
C LEU B 239 12.43 -30.21 4.29
N ALA B 240 11.52 -29.93 3.35
CA ALA B 240 10.24 -30.64 3.34
C ALA B 240 10.41 -32.15 3.09
N LYS B 241 11.26 -32.48 2.10
CA LYS B 241 11.63 -33.88 1.81
C LYS B 241 12.23 -34.56 3.02
N ASP B 242 13.27 -33.94 3.60
CA ASP B 242 14.02 -34.48 4.75
C ASP B 242 13.18 -34.76 5.99
N LEU B 243 12.14 -33.96 6.21
CA LEU B 243 11.31 -34.06 7.41
C LEU B 243 10.08 -34.91 7.18
N ARG B 244 9.94 -35.39 5.94
CA ARG B 244 8.77 -36.17 5.50
C ARG B 244 7.45 -35.40 5.65
N LEU B 245 7.50 -34.10 5.34
CA LEU B 245 6.32 -33.28 5.26
C LEU B 245 5.30 -33.94 4.36
N PRO B 246 4.06 -34.11 4.84
CA PRO B 246 2.99 -34.67 4.04
C PRO B 246 2.62 -33.78 2.85
N TYR B 247 2.08 -34.41 1.81
CA TYR B 247 1.59 -33.73 0.63
C TYR B 247 2.64 -32.81 -0.01
N PHE B 248 3.87 -33.31 -0.12
CA PHE B 248 4.97 -32.57 -0.74
C PHE B 248 4.64 -31.83 -2.06
N GLU B 249 3.97 -32.47 -3.00
CA GLU B 249 3.72 -31.87 -4.33
C GLU B 249 2.74 -30.68 -4.26
N VAL B 250 1.87 -30.68 -3.25
CA VAL B 250 1.01 -29.53 -2.99
C VAL B 250 1.82 -28.35 -2.42
N TYR B 251 2.78 -28.65 -1.54
CA TYR B 251 3.64 -27.63 -0.93
C TYR B 251 4.61 -27.08 -1.99
N TYR B 252 5.25 -27.99 -2.72
CA TYR B 252 6.07 -27.64 -3.88
C TYR B 252 5.30 -26.69 -4.78
N GLU B 253 4.08 -27.07 -5.17
CA GLU B 253 3.32 -26.26 -6.11
C GLU B 253 3.04 -24.84 -5.61
N SER B 254 2.76 -24.70 -4.30
CA SER B 254 2.47 -23.38 -3.74
C SER B 254 3.73 -22.48 -3.69
N LEU B 255 4.88 -23.08 -3.41
CA LEU B 255 6.11 -22.30 -3.25
C LEU B 255 6.82 -21.95 -4.57
N VAL B 256 6.49 -22.67 -5.65
CA VAL B 256 7.20 -22.55 -6.91
C VAL B 256 6.31 -21.92 -7.94
N ASN B 257 5.05 -22.34 -7.97
CA ASN B 257 4.11 -21.85 -8.97
C ASN B 257 2.98 -20.96 -8.47
N GLY B 258 2.70 -21.02 -7.16
CA GLY B 258 1.74 -20.13 -6.52
C GLY B 258 0.28 -20.44 -6.80
N ILE B 259 0.01 -21.70 -7.16
CA ILE B 259 -1.35 -22.22 -7.27
C ILE B 259 -1.38 -23.60 -6.57
P PO4 C . -8.02 17.27 -8.49
O1 PO4 C . -7.79 16.91 -9.94
O2 PO4 C . -6.75 17.83 -7.87
O3 PO4 C . -9.10 18.35 -8.41
O4 PO4 C . -8.51 16.11 -7.68
MN MN D . -6.41 15.72 -10.85
FE FE E . -4.76 16.93 -7.98
P PO4 F . -6.22 -19.31 4.67
O1 PO4 F . -6.85 -19.05 6.01
O2 PO4 F . -4.72 -19.18 4.79
O3 PO4 F . -6.52 -20.74 4.24
O4 PO4 F . -6.86 -18.49 3.60
MN MN G . -6.41 -17.60 7.39
FE FE H . -3.41 -18.02 5.76
#